data_1JJP
#
_entry.id   1JJP
#
_cell.length_a   ?
_cell.length_b   ?
_cell.length_c   ?
_cell.angle_alpha   ?
_cell.angle_beta   ?
_cell.angle_gamma   ?
#
_entity_poly.entity_id   1
_entity_poly.type   'polydeoxyribonucleotide'
_entity_poly.pdbx_seq_one_letter_code
;(DG)(DG)(DG)(DA)(DG)(DG)(DT)(DT)(DT)(DG)(DG)(DG)(DA)(DT)
;
_entity_poly.pdbx_strand_id   A,B
#